data_1O6Y
#
_entry.id   1O6Y
#
_cell.length_a   114.607
_cell.length_b   122.088
_cell.length_c   46.975
_cell.angle_alpha   90.00
_cell.angle_beta   90.00
_cell.angle_gamma   90.00
#
_symmetry.space_group_name_H-M   'C 2 2 21'
#
loop_
_entity.id
_entity.type
_entity.pdbx_description
1 polymer 'SERINE/THREONINE-PROTEIN KINASE PKNB'
2 non-polymer 'PHOSPHOMETHYLPHOSPHONIC ACID ADENYLATE ESTER'
3 non-polymer 'MAGNESIUM ION'
4 water water
#
_entity_poly.entity_id   1
_entity_poly.type   'polypeptide(L)'
_entity_poly.pdbx_seq_one_letter_code
;MGSSHHHHHHSSGLVPRGSHMTTPSHLSDRYELGEILGFGGMSEVHLARDLRLHRDVAVKVLRADLARDPSFYLRFRREA
QNAAALNHPAIVAVYDTGEAETPAGPLPYIVMEYVDGVTLRDIVHTEGPMTPKRAIEVIADACQALNFSHQNGIIHRDVK
PANIMISATNAVKVMDFGIARAIADSGNSVTQTAAVIGTAQYLSPEQARGDSVDARSDVYSLGCVLYEVLTGEPPFTGDS
PVSVAYQHVREDPIPPSARHEGLSADLDAVVLKALAKNPENRYQTAAEMRADLVRVHNG
;
_entity_poly.pdbx_strand_id   A
#
# COMPACT_ATOMS: atom_id res chain seq x y z
N THR A 23 13.41 -22.57 2.85
CA THR A 23 13.33 -21.61 4.00
C THR A 23 13.36 -22.32 5.39
N PRO A 24 14.29 -21.92 6.28
CA PRO A 24 14.51 -22.61 7.56
C PRO A 24 13.47 -22.40 8.70
N SER A 25 13.66 -23.19 9.75
CA SER A 25 12.81 -23.25 10.94
C SER A 25 12.81 -21.94 11.76
N HIS A 26 14.00 -21.42 12.00
CA HIS A 26 14.25 -20.23 12.80
C HIS A 26 15.24 -19.39 12.03
N LEU A 27 15.17 -18.08 12.21
CA LEU A 27 16.15 -17.17 11.63
C LEU A 27 17.02 -16.61 12.76
N SER A 28 18.34 -16.69 12.59
CA SER A 28 19.32 -16.20 13.56
C SER A 28 19.14 -16.78 14.96
N ASP A 29 18.60 -18.01 15.04
CA ASP A 29 18.28 -18.68 16.32
C ASP A 29 17.37 -17.83 17.20
N ARG A 30 16.47 -17.07 16.58
CA ARG A 30 15.70 -16.07 17.31
C ARG A 30 14.21 -15.94 16.92
N TYR A 31 13.91 -15.95 15.63
CA TYR A 31 12.54 -15.80 15.13
C TYR A 31 12.03 -17.13 14.57
N GLU A 32 11.18 -17.80 15.33
CA GLU A 32 10.62 -19.08 14.94
C GLU A 32 9.50 -18.86 13.90
N LEU A 33 9.71 -19.32 12.68
CA LEU A 33 8.80 -19.04 11.58
C LEU A 33 7.53 -19.87 11.61
N GLY A 34 6.39 -19.22 11.42
CA GLY A 34 5.12 -19.91 11.35
C GLY A 34 4.51 -19.85 9.97
N GLU A 35 3.18 -19.74 9.90
CA GLU A 35 2.44 -19.84 8.63
C GLU A 35 2.73 -18.70 7.68
N ILE A 36 2.66 -18.98 6.38
CA ILE A 36 2.78 -17.95 5.32
C ILE A 36 1.56 -17.03 5.41
N LEU A 37 1.81 -15.72 5.41
CA LEU A 37 0.77 -14.68 5.38
C LEU A 37 0.53 -14.09 3.97
N GLY A 38 1.61 -13.90 3.22
CA GLY A 38 1.55 -13.43 1.86
C GLY A 38 2.82 -13.75 1.09
N PHE A 39 2.76 -13.71 -0.23
CA PHE A 39 3.95 -13.95 -1.04
C PHE A 39 3.76 -13.33 -2.38
N GLY A 40 4.86 -13.04 -3.06
CA GLY A 40 4.84 -12.52 -4.41
C GLY A 40 6.02 -13.06 -5.15
N GLY A 41 6.39 -12.38 -6.24
CA GLY A 41 7.45 -12.83 -7.12
C GLY A 41 8.86 -12.77 -6.54
N MET A 42 9.10 -11.88 -5.58
CA MET A 42 10.45 -11.75 -5.06
C MET A 42 10.63 -12.01 -3.58
N SER A 43 9.54 -12.37 -2.89
CA SER A 43 9.56 -12.55 -1.44
C SER A 43 8.30 -13.23 -0.84
N GLU A 44 8.39 -13.53 0.46
CA GLU A 44 7.29 -14.12 1.22
C GLU A 44 7.26 -13.57 2.63
N VAL A 45 6.07 -13.55 3.23
CA VAL A 45 5.90 -13.01 4.58
C VAL A 45 5.34 -14.10 5.51
N HIS A 46 6.02 -14.31 6.64
CA HIS A 46 5.60 -15.34 7.58
C HIS A 46 5.11 -14.74 8.88
N LEU A 47 4.18 -15.43 9.53
CA LEU A 47 3.87 -15.15 10.94
C LEU A 47 5.05 -15.80 11.67
N ALA A 48 5.68 -15.09 12.63
CA ALA A 48 6.81 -15.66 13.38
C ALA A 48 6.75 -15.27 14.84
N ARG A 49 7.51 -15.97 15.67
CA ARG A 49 7.55 -15.66 17.07
C ARG A 49 8.94 -15.18 17.41
N ASP A 50 9.03 -13.99 18.02
CA ASP A 50 10.30 -13.49 18.52
C ASP A 50 10.54 -14.24 19.83
N LEU A 51 11.60 -15.02 19.87
CA LEU A 51 11.83 -15.88 21.02
C LEU A 51 12.42 -15.12 22.22
N ARG A 52 13.01 -13.96 21.96
CA ARG A 52 13.60 -13.15 23.01
C ARG A 52 12.56 -12.27 23.69
N LEU A 53 11.75 -11.62 22.87
CA LEU A 53 10.74 -10.64 23.32
C LEU A 53 9.35 -11.24 23.62
N HIS A 54 9.14 -12.48 23.18
CA HIS A 54 7.88 -13.20 23.39
C HIS A 54 6.68 -12.49 22.77
N ARG A 55 6.82 -12.08 21.50
CA ARG A 55 5.73 -11.53 20.75
C ARG A 55 5.76 -12.07 19.32
N ASP A 56 4.61 -11.98 18.67
CA ASP A 56 4.45 -12.41 17.31
C ASP A 56 4.83 -11.23 16.43
N VAL A 57 5.50 -11.51 15.34
CA VAL A 57 5.97 -10.52 14.40
C VAL A 57 5.69 -11.04 12.98
N ALA A 58 5.78 -10.15 11.99
CA ALA A 58 5.64 -10.55 10.58
C ALA A 58 7.06 -10.46 10.05
N VAL A 59 7.51 -11.53 9.39
CA VAL A 59 8.86 -11.59 8.88
C VAL A 59 8.85 -11.74 7.34
N LYS A 60 9.36 -10.74 6.64
CA LYS A 60 9.48 -10.77 5.20
C LYS A 60 10.84 -11.34 4.84
N VAL A 61 10.83 -12.32 3.95
CA VAL A 61 12.04 -13.03 3.59
C VAL A 61 12.26 -12.93 2.09
N LEU A 62 13.47 -12.54 1.66
CA LEU A 62 13.84 -12.50 0.25
C LEU A 62 14.09 -13.91 -0.25
N ARG A 63 13.61 -14.18 -1.47
CA ARG A 63 13.63 -15.51 -2.09
C ARG A 63 14.88 -16.39 -2.00
N ALA A 64 16.04 -15.81 -1.73
CA ALA A 64 17.28 -16.60 -1.50
C ALA A 64 18.12 -16.86 -2.74
N ASP A 65 17.49 -17.33 -3.82
CA ASP A 65 18.19 -17.48 -5.12
C ASP A 65 18.39 -16.09 -5.70
N LEU A 66 17.52 -15.19 -5.26
CA LEU A 66 17.57 -13.77 -5.56
C LEU A 66 18.54 -13.07 -4.61
N ALA A 67 18.66 -13.57 -3.38
CA ALA A 67 19.60 -13.00 -2.39
C ALA A 67 21.07 -12.93 -2.90
N ARG A 68 21.45 -13.83 -3.80
CA ARG A 68 22.81 -13.78 -4.37
C ARG A 68 22.94 -12.68 -5.44
N ASP A 69 21.80 -12.07 -5.82
CA ASP A 69 21.75 -10.98 -6.81
C ASP A 69 21.85 -9.63 -6.10
N PRO A 70 22.93 -8.87 -6.34
CA PRO A 70 23.07 -7.54 -5.74
C PRO A 70 21.89 -6.59 -6.08
N SER A 71 21.35 -6.69 -7.31
CA SER A 71 20.24 -5.82 -7.73
C SER A 71 19.04 -6.00 -6.85
N PHE A 72 18.68 -7.26 -6.56
CA PHE A 72 17.55 -7.56 -5.65
C PHE A 72 17.90 -7.40 -4.17
N TYR A 73 19.11 -7.78 -3.78
CA TYR A 73 19.58 -7.73 -2.38
C TYR A 73 19.54 -6.31 -1.85
N LEU A 74 19.91 -5.36 -2.69
CA LEU A 74 20.01 -3.93 -2.38
C LEU A 74 18.65 -3.25 -2.30
N ARG A 75 17.74 -3.63 -3.21
CA ARG A 75 16.38 -3.11 -3.27
C ARG A 75 15.62 -3.53 -1.99
N PHE A 76 15.85 -4.78 -1.57
CA PHE A 76 15.25 -5.37 -0.37
C PHE A 76 15.76 -4.63 0.88
N ARG A 77 17.06 -4.34 0.93
CA ARG A 77 17.65 -3.57 2.03
C ARG A 77 17.11 -2.14 2.03
N ARG A 78 16.98 -1.55 0.86
CA ARG A 78 16.42 -0.21 0.70
C ARG A 78 14.92 -0.16 1.18
N GLU A 79 14.17 -1.23 0.92
CA GLU A 79 12.78 -1.29 1.40
C GLU A 79 12.73 -1.19 2.94
N ALA A 80 13.58 -1.97 3.60
CA ALA A 80 13.74 -1.98 5.06
C ALA A 80 14.09 -0.59 5.56
N GLN A 81 15.11 0.03 4.93
CA GLN A 81 15.58 1.35 5.35
C GLN A 81 14.51 2.43 5.20
N ASN A 82 13.73 2.36 4.13
CA ASN A 82 12.69 3.36 3.89
C ASN A 82 11.56 3.25 4.88
N ALA A 83 11.11 2.04 5.13
CA ALA A 83 10.05 1.81 6.07
C ALA A 83 10.53 2.09 7.51
N ALA A 84 11.80 1.82 7.79
CA ALA A 84 12.34 2.09 9.13
C ALA A 84 12.46 3.56 9.40
N ALA A 85 12.52 4.40 8.35
CA ALA A 85 12.61 5.84 8.52
C ALA A 85 11.28 6.44 8.99
N LEU A 86 10.21 5.64 9.04
CA LEU A 86 8.84 6.12 9.33
C LEU A 86 8.31 5.54 10.61
N ASN A 87 7.86 6.39 11.49
CA ASN A 87 7.28 5.92 12.73
C ASN A 87 5.85 6.51 12.85
N HIS A 88 4.84 5.74 12.43
CA HIS A 88 3.45 6.25 12.45
C HIS A 88 2.51 5.10 12.80
N PRO A 89 1.45 5.31 13.59
CA PRO A 89 0.54 4.21 13.92
C PRO A 89 -0.23 3.63 12.70
N ALA A 90 -0.35 4.37 11.60
CA ALA A 90 -0.97 3.81 10.39
C ALA A 90 0.03 3.29 9.29
N ILE A 91 1.32 3.21 9.64
CA ILE A 91 2.30 2.62 8.73
C ILE A 91 2.96 1.44 9.43
N VAL A 92 3.06 0.30 8.76
CA VAL A 92 3.72 -0.91 9.35
C VAL A 92 5.14 -0.62 9.82
N ALA A 93 5.38 -0.78 11.10
CA ALA A 93 6.71 -0.55 11.67
C ALA A 93 7.74 -1.68 11.39
N VAL A 94 9.01 -1.29 11.20
CA VAL A 94 10.13 -2.21 11.05
C VAL A 94 10.88 -2.30 12.39
N TYR A 95 11.08 -3.53 12.88
CA TYR A 95 11.78 -3.76 14.14
C TYR A 95 13.20 -4.18 13.98
N ASP A 96 13.44 -5.00 12.97
CA ASP A 96 14.76 -5.60 12.80
C ASP A 96 14.98 -6.03 11.35
N THR A 97 16.22 -6.28 11.00
CA THR A 97 16.60 -6.80 9.71
C THR A 97 17.89 -7.59 9.89
N GLY A 98 18.08 -8.59 9.04
CA GLY A 98 19.25 -9.44 9.08
C GLY A 98 19.37 -10.32 7.84
N GLU A 99 20.36 -11.19 7.87
CA GLU A 99 20.66 -12.16 6.83
C GLU A 99 20.88 -13.46 7.60
N ALA A 100 19.98 -14.42 7.40
CA ALA A 100 20.08 -15.72 8.08
C ALA A 100 21.05 -16.66 7.34
N GLU A 101 21.73 -17.54 8.08
CA GLU A 101 22.66 -18.52 7.49
C GLU A 101 21.89 -19.79 7.09
N THR A 102 21.99 -20.16 5.81
CA THR A 102 21.28 -21.34 5.30
C THR A 102 22.22 -22.20 4.49
N PRO A 103 21.80 -23.41 4.14
CA PRO A 103 22.59 -24.25 3.23
C PRO A 103 22.83 -23.53 1.88
N ALA A 104 21.85 -22.72 1.45
CA ALA A 104 21.93 -21.93 0.20
C ALA A 104 22.97 -20.78 0.25
N GLY A 105 23.06 -20.15 1.42
CA GLY A 105 23.92 -19.00 1.63
C GLY A 105 23.09 -18.00 2.42
N PRO A 106 23.49 -16.73 2.44
CA PRO A 106 22.76 -15.70 3.23
C PRO A 106 21.28 -15.48 2.79
N LEU A 107 20.36 -15.42 3.77
CA LEU A 107 18.93 -15.24 3.50
C LEU A 107 18.34 -13.98 4.17
N PRO A 108 18.32 -12.87 3.42
CA PRO A 108 17.85 -11.57 3.89
C PRO A 108 16.44 -11.58 4.40
N TYR A 109 16.21 -10.92 5.55
CA TYR A 109 14.88 -10.84 6.11
C TYR A 109 14.60 -9.49 6.79
N ILE A 110 13.32 -9.15 6.90
CA ILE A 110 12.85 -7.94 7.57
C ILE A 110 11.78 -8.31 8.60
N VAL A 111 11.97 -7.87 9.84
CA VAL A 111 11.03 -8.12 10.95
C VAL A 111 10.17 -6.89 11.09
N MET A 112 8.86 -7.11 11.06
CA MET A 112 7.90 -6.04 11.08
C MET A 112 6.84 -6.27 12.16
N GLU A 113 6.07 -5.22 12.49
CA GLU A 113 4.90 -5.40 13.35
C GLU A 113 3.89 -6.31 12.67
N TYR A 114 3.35 -7.27 13.42
CA TYR A 114 2.36 -8.14 12.85
C TYR A 114 0.99 -7.44 12.87
N VAL A 115 0.33 -7.47 11.74
CA VAL A 115 -0.98 -6.87 11.60
C VAL A 115 -1.93 -8.02 11.43
N ASP A 116 -2.82 -8.20 12.41
CA ASP A 116 -3.80 -9.26 12.35
C ASP A 116 -5.00 -8.67 11.63
N GLY A 117 -5.10 -8.92 10.33
CA GLY A 117 -6.20 -8.39 9.55
C GLY A 117 -6.21 -8.83 8.11
N VAL A 118 -6.74 -7.97 7.22
CA VAL A 118 -6.86 -8.33 5.82
C VAL A 118 -6.62 -7.12 5.01
N THR A 119 -6.21 -7.35 3.77
CA THR A 119 -6.07 -6.25 2.85
C THR A 119 -7.43 -5.84 2.37
N LEU A 120 -7.47 -4.62 1.86
CA LEU A 120 -8.62 -4.04 1.18
C LEU A 120 -8.95 -4.83 -0.07
N ARG A 121 -7.93 -5.48 -0.67
CA ARG A 121 -8.13 -6.30 -1.84
C ARG A 121 -9.01 -7.49 -1.44
N ASP A 122 -8.68 -8.13 -0.29
CA ASP A 122 -9.43 -9.28 0.23
C ASP A 122 -10.83 -8.87 0.67
N ILE A 123 -10.95 -7.71 1.30
CA ILE A 123 -12.22 -7.18 1.81
C ILE A 123 -13.22 -6.90 0.68
N VAL A 124 -12.74 -6.27 -0.36
CA VAL A 124 -13.59 -5.93 -1.50
C VAL A 124 -13.96 -7.18 -2.29
N HIS A 125 -13.06 -8.15 -2.31
CA HIS A 125 -13.31 -9.41 -3.01
C HIS A 125 -14.30 -10.32 -2.27
N THR A 126 -14.24 -10.34 -0.93
CA THR A 126 -15.17 -11.15 -0.15
C THR A 126 -16.47 -10.42 0.24
N GLU A 127 -16.35 -9.18 0.71
CA GLU A 127 -17.51 -8.45 1.24
C GLU A 127 -18.16 -7.47 0.26
N GLY A 128 -17.46 -7.10 -0.81
CA GLY A 128 -17.97 -6.14 -1.76
C GLY A 128 -17.68 -4.72 -1.26
N PRO A 129 -18.19 -3.72 -1.97
CA PRO A 129 -17.96 -2.33 -1.59
C PRO A 129 -18.30 -2.01 -0.12
N MET A 130 -17.56 -1.08 0.48
CA MET A 130 -17.83 -0.70 1.87
C MET A 130 -18.96 0.32 1.88
N THR A 131 -19.59 0.51 3.05
CA THR A 131 -20.53 1.60 3.24
C THR A 131 -19.70 2.87 3.05
N PRO A 132 -20.28 3.92 2.46
CA PRO A 132 -19.56 5.17 2.24
C PRO A 132 -18.84 5.66 3.48
N LYS A 133 -19.52 5.65 4.64
CA LYS A 133 -18.97 6.08 5.93
C LYS A 133 -17.66 5.33 6.30
N ARG A 134 -17.67 4.00 6.29
CA ARG A 134 -16.48 3.18 6.53
C ARG A 134 -15.39 3.47 5.51
N ALA A 135 -15.76 3.57 4.24
CA ALA A 135 -14.78 3.91 3.17
C ALA A 135 -14.13 5.25 3.42
N ILE A 136 -14.90 6.23 3.85
CA ILE A 136 -14.34 7.57 4.12
C ILE A 136 -13.32 7.49 5.28
N GLU A 137 -13.70 6.84 6.40
CA GLU A 137 -12.79 6.67 7.53
C GLU A 137 -11.50 5.94 7.14
N VAL A 138 -11.63 4.84 6.41
CA VAL A 138 -10.45 4.07 6.01
C VAL A 138 -9.50 4.86 5.12
N ILE A 139 -10.04 5.59 4.14
CA ILE A 139 -9.15 6.35 3.26
C ILE A 139 -8.59 7.62 3.94
N ALA A 140 -9.37 8.23 4.84
CA ALA A 140 -8.90 9.40 5.58
C ALA A 140 -7.66 9.01 6.39
N ASP A 141 -7.74 7.87 7.04
CA ASP A 141 -6.63 7.28 7.79
C ASP A 141 -5.43 6.92 6.90
N ALA A 142 -5.70 6.42 5.69
CA ALA A 142 -4.63 6.14 4.73
C ALA A 142 -3.98 7.43 4.28
N CYS A 143 -4.79 8.47 4.04
CA CYS A 143 -4.25 9.80 3.64
C CYS A 143 -3.26 10.31 4.66
N GLN A 144 -3.64 10.18 5.92
CA GLN A 144 -2.83 10.64 7.05
C GLN A 144 -1.47 9.92 7.08
N ALA A 145 -1.50 8.61 6.91
CA ALA A 145 -0.26 7.83 6.77
C ALA A 145 0.61 8.33 5.61
N LEU A 146 0.00 8.56 4.43
CA LEU A 146 0.77 8.93 3.23
C LEU A 146 1.37 10.31 3.37
N ASN A 147 0.59 11.21 3.96
CA ASN A 147 0.99 12.56 4.19
C ASN A 147 2.20 12.64 5.09
N PHE A 148 2.19 11.83 6.15
CA PHE A 148 3.34 11.62 7.02
C PHE A 148 4.58 11.15 6.26
N SER A 149 4.41 10.13 5.43
CA SER A 149 5.46 9.65 4.55
C SER A 149 6.09 10.78 3.73
N HIS A 150 5.23 11.55 3.06
CA HIS A 150 5.63 12.70 2.29
C HIS A 150 6.36 13.75 3.08
N GLN A 151 5.89 14.03 4.30
CA GLN A 151 6.55 15.06 5.09
C GLN A 151 7.95 14.63 5.47
N ASN A 152 8.17 13.31 5.48
CA ASN A 152 9.48 12.72 5.78
C ASN A 152 10.29 12.40 4.52
N GLY A 153 9.85 12.95 3.39
CA GLY A 153 10.57 12.87 2.12
C GLY A 153 10.52 11.52 1.41
N ILE A 154 9.45 10.76 1.61
CA ILE A 154 9.31 9.44 1.01
C ILE A 154 8.00 9.30 0.26
N ILE A 155 8.09 8.90 -0.99
CA ILE A 155 6.93 8.73 -1.86
C ILE A 155 6.81 7.24 -2.01
N HIS A 156 5.61 6.74 -1.74
CA HIS A 156 5.34 5.32 -1.65
C HIS A 156 5.40 4.64 -3.01
N ARG A 157 4.64 5.20 -3.96
CA ARG A 157 4.59 4.74 -5.37
C ARG A 157 3.87 3.40 -5.66
N ASP A 158 3.45 2.66 -4.64
CA ASP A 158 2.78 1.38 -4.87
C ASP A 158 1.50 1.33 -4.01
N VAL A 159 0.80 2.46 -3.96
CA VAL A 159 -0.47 2.54 -3.26
C VAL A 159 -1.52 1.79 -4.06
N LYS A 160 -2.08 0.76 -3.42
CA LYS A 160 -3.10 -0.08 -4.04
C LYS A 160 -3.74 -0.89 -2.92
N PRO A 161 -4.92 -1.48 -3.15
CA PRO A 161 -5.61 -2.25 -2.10
C PRO A 161 -4.79 -3.39 -1.47
N ALA A 162 -3.95 -4.10 -2.24
CA ALA A 162 -3.12 -5.19 -1.71
C ALA A 162 -2.04 -4.69 -0.73
N ASN A 163 -1.77 -3.39 -0.72
CA ASN A 163 -0.77 -2.80 0.19
C ASN A 163 -1.34 -2.00 1.38
N ILE A 164 -2.62 -2.20 1.67
CA ILE A 164 -3.30 -1.51 2.79
C ILE A 164 -4.11 -2.59 3.48
N MET A 165 -3.88 -2.74 4.78
CA MET A 165 -4.60 -3.71 5.57
C MET A 165 -5.48 -3.01 6.57
N ILE A 166 -6.51 -3.73 7.02
CA ILE A 166 -7.42 -3.30 8.07
C ILE A 166 -7.26 -4.28 9.21
N SER A 167 -6.98 -3.78 10.41
CA SER A 167 -6.75 -4.62 11.60
C SER A 167 -8.00 -5.35 12.03
N ALA A 168 -7.83 -6.16 13.08
CA ALA A 168 -8.92 -6.82 13.80
C ALA A 168 -9.53 -5.80 14.80
N THR A 169 -8.91 -4.63 14.88
CA THR A 169 -9.36 -3.49 15.69
C THR A 169 -9.85 -2.33 14.78
N ASN A 170 -9.97 -2.63 13.48
CA ASN A 170 -10.39 -1.69 12.42
C ASN A 170 -9.42 -0.59 12.03
N ALA A 171 -8.22 -0.67 12.60
CA ALA A 171 -7.17 0.29 12.25
C ALA A 171 -6.61 0.00 10.84
N VAL A 172 -6.19 1.06 10.15
CA VAL A 172 -5.60 1.01 8.83
C VAL A 172 -4.06 0.94 8.96
N LYS A 173 -3.41 0.10 8.14
CA LYS A 173 -1.95 -0.03 8.14
C LYS A 173 -1.47 -0.08 6.70
N VAL A 174 -0.71 0.94 6.29
CA VAL A 174 -0.12 1.02 4.97
C VAL A 174 1.22 0.26 5.00
N MET A 175 1.48 -0.54 3.96
CA MET A 175 2.72 -1.30 3.92
C MET A 175 3.36 -1.34 2.54
N ASP A 176 4.46 -2.07 2.48
CA ASP A 176 5.16 -2.34 1.23
C ASP A 176 5.83 -1.11 0.60
N PHE A 177 7.01 -0.83 1.10
CA PHE A 177 7.83 0.27 0.62
C PHE A 177 8.87 -0.24 -0.38
N GLY A 178 8.57 -1.37 -1.02
CA GLY A 178 9.43 -2.02 -2.00
C GLY A 178 9.95 -1.13 -3.14
N ILE A 179 9.15 -0.19 -3.61
CA ILE A 179 9.59 0.77 -4.64
C ILE A 179 9.49 2.24 -4.20
N ALA A 180 9.22 2.49 -2.90
CA ALA A 180 9.25 3.86 -2.34
C ALA A 180 10.52 4.60 -2.72
N ARG A 181 10.43 5.90 -2.83
CA ARG A 181 11.59 6.69 -3.16
C ARG A 181 11.74 7.86 -2.21
N ALA A 182 12.94 8.00 -1.68
CA ALA A 182 13.33 9.09 -0.81
C ALA A 182 13.77 10.30 -1.66
N ILE A 183 12.91 11.33 -1.72
CA ILE A 183 13.26 12.64 -2.35
C ILE A 183 14.40 13.35 -1.59
N ALA A 200 -1.13 -1.67 -13.04
CA ALA A 200 -1.85 -0.91 -14.08
C ALA A 200 -3.09 -0.13 -13.58
N GLN A 201 -3.94 -0.81 -12.82
CA GLN A 201 -5.21 -0.23 -12.40
C GLN A 201 -5.07 0.89 -11.40
N TYR A 202 -3.90 1.00 -10.76
CA TYR A 202 -3.66 2.01 -9.70
C TYR A 202 -2.58 3.07 -9.98
N LEU A 203 -2.00 3.00 -11.17
CA LEU A 203 -0.92 3.87 -11.56
C LEU A 203 -1.46 5.22 -11.94
N SER A 204 -0.74 6.25 -11.53
CA SER A 204 -1.04 7.61 -11.96
C SER A 204 -0.57 7.74 -13.39
N PRO A 205 -1.12 8.69 -14.16
CA PRO A 205 -0.68 8.91 -15.56
C PRO A 205 0.79 9.32 -15.65
N GLU A 206 1.30 10.10 -14.70
CA GLU A 206 2.72 10.44 -14.76
C GLU A 206 3.57 9.18 -14.57
N GLN A 207 3.19 8.35 -13.61
CA GLN A 207 3.91 7.13 -13.26
C GLN A 207 3.91 6.10 -14.35
N ALA A 208 2.84 6.11 -15.15
CA ALA A 208 2.72 5.26 -16.30
C ALA A 208 3.94 5.51 -17.20
N ARG A 209 4.18 6.80 -17.53
CA ARG A 209 5.29 7.28 -18.37
C ARG A 209 6.65 7.25 -17.67
N GLY A 210 6.72 6.64 -16.49
CA GLY A 210 7.92 6.63 -15.66
C GLY A 210 8.44 8.06 -15.43
N ASP A 211 7.50 9.02 -15.50
CA ASP A 211 7.74 10.46 -15.35
C ASP A 211 8.20 10.76 -13.95
N SER A 212 8.40 12.05 -13.69
CA SER A 212 8.65 12.51 -12.34
C SER A 212 7.36 12.25 -11.62
N VAL A 213 7.44 11.43 -10.58
CA VAL A 213 6.28 11.15 -9.76
C VAL A 213 6.55 11.82 -8.41
N ASP A 214 5.51 12.46 -7.87
CA ASP A 214 5.68 13.13 -6.59
C ASP A 214 4.54 12.73 -5.72
N ALA A 215 4.37 13.44 -4.61
CA ALA A 215 3.29 13.17 -3.68
C ALA A 215 1.91 13.13 -4.35
N ARG A 216 1.72 13.91 -5.43
CA ARG A 216 0.40 13.89 -6.06
C ARG A 216 0.10 12.61 -6.82
N SER A 217 1.15 11.82 -7.10
CA SER A 217 0.98 10.45 -7.64
C SER A 217 0.36 9.50 -6.63
N ASP A 218 0.80 9.58 -5.37
CA ASP A 218 0.19 8.79 -4.27
C ASP A 218 -1.26 9.22 -4.03
N VAL A 219 -1.54 10.54 -4.18
CA VAL A 219 -2.90 11.06 -4.06
C VAL A 219 -3.82 10.41 -5.10
N TYR A 220 -3.36 10.38 -6.37
CA TYR A 220 -4.11 9.74 -7.47
C TYR A 220 -4.37 8.29 -7.17
N SER A 221 -3.32 7.55 -6.77
CA SER A 221 -3.48 6.10 -6.42
C SER A 221 -4.45 5.87 -5.28
N LEU A 222 -4.42 6.75 -4.28
CA LEU A 222 -5.43 6.75 -3.23
C LEU A 222 -6.86 6.98 -3.73
N GLY A 223 -7.02 7.88 -4.71
CA GLY A 223 -8.28 8.12 -5.39
C GLY A 223 -8.79 6.84 -6.06
N CYS A 224 -7.87 6.12 -6.70
CA CYS A 224 -8.24 4.84 -7.31
C CYS A 224 -8.71 3.83 -6.27
N VAL A 225 -8.02 3.79 -5.13
CA VAL A 225 -8.32 2.82 -4.09
C VAL A 225 -9.68 3.18 -3.50
N LEU A 226 -9.90 4.48 -3.30
CA LEU A 226 -11.17 4.96 -2.77
C LEU A 226 -12.34 4.65 -3.73
N TYR A 227 -12.12 4.86 -5.01
CA TYR A 227 -13.14 4.60 -6.01
C TYR A 227 -13.57 3.13 -5.88
N GLU A 228 -12.58 2.27 -5.69
CA GLU A 228 -12.81 0.85 -5.62
C GLU A 228 -13.49 0.38 -4.34
N VAL A 229 -13.11 0.89 -3.18
CA VAL A 229 -13.84 0.49 -1.97
C VAL A 229 -15.25 1.10 -1.93
N LEU A 230 -15.51 2.15 -2.72
CA LEU A 230 -16.86 2.72 -2.79
C LEU A 230 -17.75 2.02 -3.82
N THR A 231 -17.15 1.51 -4.90
CA THR A 231 -17.95 0.87 -5.98
C THR A 231 -17.71 -0.62 -6.14
N GLY A 232 -16.55 -1.09 -5.68
CA GLY A 232 -16.25 -2.51 -5.82
C GLY A 232 -15.40 -2.78 -7.03
N GLU A 233 -15.13 -1.70 -7.78
CA GLU A 233 -14.34 -1.80 -8.98
C GLU A 233 -13.43 -0.61 -9.04
N PRO A 234 -12.22 -0.77 -9.59
CA PRO A 234 -11.32 0.38 -9.77
C PRO A 234 -11.86 1.29 -10.94
N PRO A 235 -11.33 2.51 -11.13
CA PRO A 235 -11.89 3.43 -12.14
C PRO A 235 -11.79 2.88 -13.57
N PHE A 236 -10.69 2.21 -13.89
CA PHE A 236 -10.51 1.66 -15.22
C PHE A 236 -10.12 0.19 -15.20
N THR A 237 -10.70 -0.58 -16.10
CA THR A 237 -10.30 -1.95 -16.33
C THR A 237 -10.12 -2.08 -17.83
N GLY A 238 -9.52 -3.18 -18.28
CA GLY A 238 -9.28 -3.40 -19.70
C GLY A 238 -8.62 -4.76 -19.89
N ASP A 239 -8.64 -5.26 -21.12
CA ASP A 239 -8.10 -6.58 -21.44
C ASP A 239 -6.56 -6.65 -21.40
N SER A 240 -5.91 -5.53 -21.05
CA SER A 240 -4.45 -5.42 -21.08
C SER A 240 -3.93 -4.20 -20.29
N PRO A 241 -2.64 -4.21 -19.91
CA PRO A 241 -2.05 -3.08 -19.16
C PRO A 241 -1.95 -1.78 -19.95
N VAL A 242 -1.64 -1.82 -21.23
CA VAL A 242 -1.57 -0.60 -22.01
C VAL A 242 -2.95 0.09 -22.07
N SER A 243 -4.02 -0.79 -22.02
CA SER A 243 -5.41 -0.19 -22.18
C SER A 243 -5.85 0.45 -20.94
N VAL A 244 -5.49 -0.19 -19.85
CA VAL A 244 -5.73 0.37 -18.60
C VAL A 244 -4.90 1.68 -18.52
N ALA A 245 -3.64 1.67 -19.04
CA ALA A 245 -2.79 2.88 -19.01
C ALA A 245 -3.36 4.02 -19.88
N TYR A 246 -3.83 3.68 -21.08
CA TYR A 246 -4.43 4.64 -22.05
C TYR A 246 -5.59 5.40 -21.44
N GLN A 247 -6.41 4.62 -20.62
CA GLN A 247 -7.58 5.15 -19.92
C GLN A 247 -7.20 6.13 -18.83
N HIS A 248 -6.19 5.77 -18.00
CA HIS A 248 -5.67 6.69 -16.96
C HIS A 248 -5.22 8.02 -17.56
N VAL A 249 -4.65 7.98 -18.77
CA VAL A 249 -4.06 9.16 -19.38
C VAL A 249 -5.09 10.02 -20.08
N ARG A 250 -5.98 9.36 -20.86
CA ARG A 250 -6.96 10.02 -21.74
C ARG A 250 -8.44 10.07 -21.34
N GLU A 251 -8.92 9.19 -20.45
CA GLU A 251 -10.37 9.08 -20.22
C GLU A 251 -10.82 9.51 -18.86
N ASP A 252 -11.92 10.26 -18.80
CA ASP A 252 -12.47 10.66 -17.52
C ASP A 252 -13.09 9.44 -16.87
N PRO A 253 -12.91 9.27 -15.56
CA PRO A 253 -13.55 8.17 -14.84
C PRO A 253 -15.05 8.38 -14.81
N ILE A 254 -15.83 7.31 -14.72
CA ILE A 254 -17.29 7.44 -14.54
C ILE A 254 -17.51 7.89 -13.08
N PRO A 255 -18.28 8.96 -12.84
CA PRO A 255 -18.55 9.38 -11.45
C PRO A 255 -18.99 8.16 -10.64
N PRO A 256 -18.47 7.99 -9.42
CA PRO A 256 -18.79 6.82 -8.59
C PRO A 256 -20.30 6.55 -8.35
N SER A 257 -21.10 7.59 -8.17
CA SER A 257 -22.54 7.44 -7.96
C SER A 257 -23.29 6.76 -9.11
N ALA A 258 -22.74 6.87 -10.33
CA ALA A 258 -23.33 6.23 -11.52
C ALA A 258 -23.03 4.73 -11.58
N ARG A 259 -22.05 4.28 -10.82
CA ARG A 259 -21.69 2.85 -10.78
C ARG A 259 -22.35 2.14 -9.60
N HIS A 260 -22.61 2.86 -8.52
CA HIS A 260 -23.11 2.28 -7.28
C HIS A 260 -24.02 3.23 -6.51
N GLU A 261 -25.13 2.68 -6.02
CA GLU A 261 -26.14 3.45 -5.28
C GLU A 261 -25.65 3.89 -3.88
N GLY A 262 -26.27 4.95 -3.36
CA GLY A 262 -26.02 5.46 -2.01
C GLY A 262 -24.84 6.39 -1.82
N LEU A 263 -24.46 7.11 -2.89
CA LEU A 263 -23.24 7.94 -2.88
C LEU A 263 -23.59 9.40 -3.16
N SER A 264 -23.01 10.31 -2.39
CA SER A 264 -23.31 11.76 -2.53
C SER A 264 -22.55 12.38 -3.68
N ALA A 265 -23.05 13.52 -4.17
CA ALA A 265 -22.38 14.30 -5.20
C ALA A 265 -21.06 14.81 -4.66
N ASP A 266 -21.00 15.14 -3.38
CA ASP A 266 -19.76 15.56 -2.72
C ASP A 266 -18.66 14.50 -2.72
N LEU A 267 -19.02 13.23 -2.48
CA LEU A 267 -18.06 12.10 -2.55
C LEU A 267 -17.58 11.92 -3.97
N ASP A 268 -18.48 12.00 -4.95
CA ASP A 268 -18.09 11.97 -6.37
C ASP A 268 -17.04 13.01 -6.61
N ALA A 269 -17.28 14.24 -6.12
CA ALA A 269 -16.38 15.38 -6.31
C ALA A 269 -14.99 15.14 -5.72
N VAL A 270 -14.94 14.57 -4.52
CA VAL A 270 -13.66 14.28 -3.89
C VAL A 270 -12.80 13.26 -4.68
N VAL A 271 -13.43 12.17 -5.11
CA VAL A 271 -12.78 11.07 -5.83
C VAL A 271 -12.31 11.57 -7.17
N LEU A 272 -13.20 12.25 -7.88
CA LEU A 272 -12.93 12.81 -9.19
C LEU A 272 -11.83 13.90 -9.19
N LYS A 273 -11.70 14.63 -8.09
CA LYS A 273 -10.63 15.61 -7.93
C LYS A 273 -9.29 14.86 -7.63
N ALA A 274 -9.34 13.81 -6.80
CA ALA A 274 -8.13 13.00 -6.57
C ALA A 274 -7.63 12.35 -7.89
N LEU A 275 -8.59 11.99 -8.76
CA LEU A 275 -8.28 11.35 -10.03
C LEU A 275 -8.12 12.29 -11.17
N ALA A 276 -7.90 13.59 -10.91
CA ALA A 276 -7.68 14.54 -12.00
C ALA A 276 -6.41 14.17 -12.76
N LYS A 277 -6.47 14.29 -14.10
CA LYS A 277 -5.34 13.97 -14.97
C LYS A 277 -4.11 14.86 -14.67
N ASN A 278 -4.29 16.17 -14.66
CA ASN A 278 -3.20 17.13 -14.36
C ASN A 278 -2.93 17.16 -12.85
N PRO A 279 -1.67 16.98 -12.44
CA PRO A 279 -1.31 17.08 -11.00
C PRO A 279 -1.77 18.40 -10.34
N GLU A 280 -1.72 19.50 -11.08
CA GLU A 280 -2.12 20.80 -10.56
C GLU A 280 -3.61 20.80 -10.17
N ASN A 281 -4.39 19.88 -10.71
CA ASN A 281 -5.84 19.82 -10.42
C ASN A 281 -6.28 18.88 -9.32
N ARG A 282 -5.35 18.12 -8.74
CA ARG A 282 -5.67 17.17 -7.67
C ARG A 282 -5.49 17.88 -6.34
N TYR A 283 -5.69 17.12 -5.28
CA TYR A 283 -5.28 17.61 -3.95
C TYR A 283 -3.77 17.72 -4.04
N GLN A 284 -3.23 18.86 -3.63
CA GLN A 284 -1.79 19.09 -3.71
C GLN A 284 -0.99 18.27 -2.71
N THR A 285 -1.65 17.84 -1.63
CA THR A 285 -1.08 16.94 -0.59
C THR A 285 -2.17 15.96 -0.13
N ALA A 286 -1.78 14.87 0.55
CA ALA A 286 -2.75 13.91 1.08
C ALA A 286 -3.53 14.50 2.26
N ALA A 287 -2.94 15.48 2.95
CA ALA A 287 -3.62 16.17 4.05
C ALA A 287 -4.89 16.89 3.56
N GLU A 288 -4.75 17.55 2.40
CA GLU A 288 -5.86 18.25 1.77
C GLU A 288 -6.97 17.27 1.36
N MET A 289 -6.58 16.10 0.86
CA MET A 289 -7.58 15.10 0.49
C MET A 289 -8.35 14.68 1.73
N ARG A 290 -7.64 14.42 2.82
CA ARG A 290 -8.25 14.03 4.09
C ARG A 290 -9.21 15.11 4.60
N ALA A 291 -8.76 16.38 4.59
CA ALA A 291 -9.60 17.51 5.06
C ALA A 291 -10.95 17.54 4.33
N ASP A 292 -10.94 17.37 3.01
CA ASP A 292 -12.18 17.23 2.22
C ASP A 292 -12.99 15.93 2.56
N LEU A 293 -12.34 14.79 2.77
CA LEU A 293 -13.10 13.58 3.18
C LEU A 293 -13.81 13.73 4.51
N VAL A 294 -13.11 14.33 5.47
CA VAL A 294 -13.63 14.65 6.81
C VAL A 294 -14.88 15.55 6.71
N ARG A 295 -14.87 16.50 5.76
CA ARG A 295 -16.01 17.39 5.53
C ARG A 295 -17.22 16.64 5.00
N VAL A 296 -16.97 15.65 4.14
CA VAL A 296 -18.05 14.80 3.63
C VAL A 296 -18.64 14.03 4.81
N HIS A 297 -17.76 13.45 5.64
CA HIS A 297 -18.19 12.75 6.86
C HIS A 297 -19.03 13.66 7.80
N ASN A 298 -18.41 14.74 8.29
CA ASN A 298 -19.01 15.68 9.25
C ASN A 298 -20.01 16.64 8.59
#